data_1LLR
#
_entry.id   1LLR
#
_cell.length_a   102.391
_cell.length_b   65.964
_cell.length_c   78.146
_cell.angle_alpha   90.00
_cell.angle_beta   105.97
_cell.angle_gamma   90.00
#
_symmetry.space_group_name_H-M   'C 1 2 1'
#
loop_
_entity.id
_entity.type
_entity.pdbx_description
1 polymer 'CHOLERA TOXIN B SUBUNIT'
2 non-polymer '5-aminocarbonyl-3-nitrophenyl alpha-D-galactopyranoside'
3 non-polymer 3-AMINO-4-{3-[2-(2-PROPOXY-ETHOXY)-ETHOXY]-PROPYLAMINO}-CYCLOBUT-3-ENE-1,2-DIONE
4 water water
#
_entity_poly.entity_id   1
_entity_poly.type   'polypeptide(L)'
_entity_poly.pdbx_seq_one_letter_code
;TPQNITDLCAEYHNTQIHTLNDKIFSYTESLAGKREMAIITFKNGATFQVEVPGSQHIDSQKKAIERMKDTLRIAYLTEA
KVEKLCVWNNKTPHAIAAISMAN
;
_entity_poly.pdbx_strand_id   D,E,F,G,H
#
loop_
_chem_comp.id
_chem_comp.type
_chem_comp.name
_chem_comp.formula
FNG D-saccharide '5-aminocarbonyl-3-nitrophenyl alpha-D-galactopyranoside' 'C13 H16 N2 O9'
LNQ non-polymer 3-AMINO-4-{3-[2-(2-PROPOXY-ETHOXY)-ETHOXY]-PROPYLAMINO}-CYCLOBUT-3-ENE-1,2-DIONE 'C14 H24 N2 O5'
#
# COMPACT_ATOMS: atom_id res chain seq x y z
N THR A 1 -23.05 -4.87 -18.46
CA THR A 1 -21.87 -5.29 -17.65
C THR A 1 -20.92 -6.34 -18.12
N PRO A 2 -19.61 -6.05 -17.93
CA PRO A 2 -18.71 -6.97 -18.59
C PRO A 2 -18.09 -8.03 -17.75
N GLN A 3 -17.83 -9.16 -18.46
CA GLN A 3 -17.21 -10.27 -17.77
C GLN A 3 -15.74 -10.41 -18.02
N ASN A 4 -15.24 -9.59 -18.95
CA ASN A 4 -13.80 -9.64 -19.28
C ASN A 4 -13.37 -8.35 -19.92
N ILE A 5 -12.08 -8.17 -20.01
CA ILE A 5 -11.52 -6.92 -20.59
C ILE A 5 -11.94 -6.63 -22.03
N THR A 6 -12.09 -7.66 -22.85
CA THR A 6 -12.48 -7.39 -24.26
C THR A 6 -13.85 -6.77 -24.34
N ASP A 7 -14.76 -7.36 -23.57
CA ASP A 7 -16.14 -6.88 -23.55
C ASP A 7 -16.23 -5.46 -22.99
N LEU A 8 -15.44 -5.19 -21.92
CA LEU A 8 -15.44 -3.87 -21.33
C LEU A 8 -14.88 -2.83 -22.30
N CYS A 9 -13.77 -3.27 -22.97
CA CYS A 9 -13.13 -2.32 -23.88
C CYS A 9 -14.04 -1.90 -25.03
N ALA A 10 -14.83 -2.88 -25.48
CA ALA A 10 -15.74 -2.62 -26.60
C ALA A 10 -16.80 -1.59 -26.33
N GLU A 11 -17.09 -1.24 -25.10
CA GLU A 11 -18.09 -0.33 -24.64
C GLU A 11 -17.68 1.11 -24.92
N TYR A 12 -16.42 1.34 -25.25
CA TYR A 12 -15.96 2.72 -25.39
C TYR A 12 -15.47 3.08 -26.80
N HIS A 13 -15.62 4.31 -27.20
CA HIS A 13 -15.11 4.69 -28.52
C HIS A 13 -13.60 4.91 -28.51
N ASN A 14 -12.90 4.78 -29.60
CA ASN A 14 -11.49 5.09 -29.76
C ASN A 14 -10.66 4.16 -28.87
N THR A 15 -11.04 2.92 -28.72
CA THR A 15 -10.31 1.95 -27.90
C THR A 15 -9.86 0.78 -28.76
N GLN A 16 -8.85 0.08 -28.29
CA GLN A 16 -8.44 -1.13 -28.86
C GLN A 16 -7.81 -1.99 -27.76
N ILE A 17 -7.75 -3.27 -28.02
CA ILE A 17 -7.07 -4.25 -27.20
C ILE A 17 -5.70 -4.51 -27.78
N HIS A 18 -4.68 -4.48 -26.90
CA HIS A 18 -3.38 -4.98 -27.22
C HIS A 18 -3.13 -6.26 -26.41
N THR A 19 -2.67 -7.33 -27.05
CA THR A 19 -2.41 -8.59 -26.32
C THR A 19 -0.91 -8.68 -26.20
N LEU A 20 -0.44 -8.61 -24.94
CA LEU A 20 0.97 -8.65 -24.65
C LEU A 20 1.49 -10.02 -24.25
N ASN A 21 0.77 -10.65 -23.31
CA ASN A 21 1.17 -11.90 -22.69
C ASN A 21 2.67 -11.92 -22.35
N ASP A 22 3.11 -10.85 -21.62
CA ASP A 22 4.49 -10.69 -21.23
C ASP A 22 4.50 -9.77 -19.95
N LYS A 23 5.63 -9.92 -19.27
CA LYS A 23 5.84 -8.99 -18.16
C LYS A 23 6.25 -7.63 -18.72
N ILE A 24 6.09 -6.62 -17.87
CA ILE A 24 6.49 -5.25 -18.20
C ILE A 24 8.00 -5.15 -18.28
N PHE A 25 8.50 -4.50 -19.35
CA PHE A 25 9.95 -4.29 -19.48
C PHE A 25 10.45 -3.13 -18.63
N SER A 26 9.76 -2.01 -18.69
CA SER A 26 10.16 -0.82 -17.90
C SER A 26 8.92 -0.13 -17.37
N TYR A 27 9.17 0.47 -16.18
CA TYR A 27 8.15 1.25 -15.46
C TYR A 27 8.71 2.65 -15.14
N THR A 28 8.05 3.69 -15.57
CA THR A 28 8.47 5.05 -15.32
C THR A 28 7.34 5.80 -14.64
N GLU A 29 7.66 6.65 -13.65
CA GLU A 29 6.64 7.53 -13.07
C GLU A 29 7.32 8.88 -12.78
N SER A 30 6.44 9.89 -12.85
CA SER A 30 6.86 11.26 -12.72
C SER A 30 5.99 12.06 -11.73
N LEU A 31 6.64 12.96 -11.04
CA LEU A 31 5.99 13.91 -10.18
C LEU A 31 6.11 15.35 -10.65
N ALA A 32 6.67 15.51 -11.89
CA ALA A 32 6.82 16.86 -12.44
C ALA A 32 5.49 17.50 -12.76
N GLY A 33 5.31 18.82 -12.62
CA GLY A 33 3.99 19.41 -12.70
C GLY A 33 3.38 19.27 -14.10
N LYS A 34 2.11 18.85 -14.06
CA LYS A 34 1.33 18.64 -15.28
C LYS A 34 1.84 17.43 -16.06
N ARG A 35 2.73 16.63 -15.49
CA ARG A 35 3.18 15.38 -16.04
C ARG A 35 3.19 14.30 -14.97
N GLU A 36 2.19 14.36 -14.09
CA GLU A 36 2.08 13.37 -12.98
C GLU A 36 1.43 12.15 -13.57
N MET A 37 2.23 11.26 -14.13
CA MET A 37 1.85 10.16 -15.02
C MET A 37 2.77 8.94 -14.85
N ALA A 38 2.33 7.83 -15.46
CA ALA A 38 3.21 6.68 -15.51
C ALA A 38 3.32 6.22 -16.96
N ILE A 39 4.42 5.62 -17.29
CA ILE A 39 4.64 5.11 -18.65
C ILE A 39 5.24 3.74 -18.49
N ILE A 40 4.70 2.76 -19.21
CA ILE A 40 5.23 1.41 -19.22
C ILE A 40 5.63 1.05 -20.66
N THR A 41 6.63 0.14 -20.75
CA THR A 41 6.93 -0.44 -22.05
C THR A 41 7.08 -1.93 -21.94
N PHE A 42 7.00 -2.62 -23.05
CA PHE A 42 7.24 -4.02 -23.21
C PHE A 42 8.45 -4.28 -24.11
N LYS A 43 9.01 -5.47 -24.01
CA LYS A 43 10.24 -5.66 -24.82
C LYS A 43 10.03 -5.66 -26.31
N ASN A 44 8.80 -5.76 -26.79
CA ASN A 44 8.54 -5.58 -28.25
C ASN A 44 8.56 -4.14 -28.62
N GLY A 45 8.72 -3.18 -27.77
CA GLY A 45 8.77 -1.74 -27.96
C GLY A 45 7.48 -0.98 -27.74
N ALA A 46 6.36 -1.74 -27.41
CA ALA A 46 5.10 -1.06 -27.18
C ALA A 46 5.20 -0.22 -25.89
N THR A 47 4.64 0.94 -26.00
CA THR A 47 4.73 1.95 -24.91
C THR A 47 3.33 2.42 -24.61
N PHE A 48 2.99 2.49 -23.31
CA PHE A 48 1.67 2.92 -22.87
C PHE A 48 1.74 3.91 -21.72
N GLN A 49 0.76 4.76 -21.58
CA GLN A 49 0.73 5.72 -20.50
C GLN A 49 -0.51 5.48 -19.61
N VAL A 50 -0.41 5.94 -18.34
CA VAL A 50 -1.54 6.25 -17.52
C VAL A 50 -1.60 7.79 -17.57
N GLU A 51 -2.65 8.35 -18.21
CA GLU A 51 -2.68 9.77 -18.42
C GLU A 51 -2.67 10.56 -17.10
N VAL A 52 -2.18 11.80 -17.20
CA VAL A 52 -2.38 12.78 -16.13
C VAL A 52 -3.85 13.04 -15.93
N PRO A 53 -4.39 13.09 -14.71
CA PRO A 53 -5.82 13.37 -14.53
C PRO A 53 -6.21 14.69 -15.13
N GLY A 54 -7.26 14.75 -15.98
CA GLY A 54 -7.66 16.03 -16.56
C GLY A 54 -9.18 16.09 -16.73
N SER A 55 -9.60 17.13 -17.49
CA SER A 55 -11.05 17.36 -17.63
C SER A 55 -11.76 16.34 -18.49
N GLN A 56 -11.05 15.45 -19.14
CA GLN A 56 -11.68 14.32 -19.82
C GLN A 56 -12.13 13.30 -18.76
N HIS A 57 -11.64 13.21 -17.56
CA HIS A 57 -11.92 12.21 -16.60
C HIS A 57 -13.02 12.67 -15.64
N ILE A 58 -14.00 11.83 -15.39
CA ILE A 58 -15.02 12.13 -14.41
C ILE A 58 -14.42 11.81 -13.04
N ASP A 59 -15.11 12.29 -11.99
CA ASP A 59 -14.63 12.20 -10.64
C ASP A 59 -14.25 10.84 -10.15
N SER A 60 -15.12 9.89 -10.56
CA SER A 60 -14.97 8.50 -10.18
C SER A 60 -13.79 7.82 -10.81
N GLN A 61 -13.19 8.34 -11.92
CA GLN A 61 -11.99 7.81 -12.51
C GLN A 61 -10.70 8.24 -11.80
N LYS A 62 -10.81 9.32 -11.05
CA LYS A 62 -9.61 9.84 -10.37
C LYS A 62 -8.98 8.85 -9.40
N LYS A 63 -9.77 8.18 -8.55
CA LYS A 63 -9.30 7.18 -7.66
C LYS A 63 -8.72 6.00 -8.44
N ALA A 64 -9.42 5.65 -9.56
CA ALA A 64 -9.07 4.49 -10.33
C ALA A 64 -7.75 4.71 -11.06
N ILE A 65 -7.46 5.95 -11.44
CA ILE A 65 -6.19 6.32 -12.06
C ILE A 65 -5.03 6.06 -11.07
N GLU A 66 -5.29 6.46 -9.83
CA GLU A 66 -4.29 6.23 -8.79
C GLU A 66 -4.03 4.74 -8.59
N ARG A 67 -5.12 3.95 -8.52
CA ARG A 67 -5.00 2.52 -8.33
C ARG A 67 -4.25 1.90 -9.48
N MET A 68 -4.55 2.37 -10.75
CA MET A 68 -3.85 1.74 -11.88
C MET A 68 -2.31 1.92 -11.81
N LYS A 69 -1.89 3.15 -11.38
CA LYS A 69 -0.45 3.34 -11.23
C LYS A 69 0.11 2.40 -10.17
N ASP A 70 -0.63 2.18 -9.10
CA ASP A 70 -0.25 1.21 -8.07
C ASP A 70 -0.06 -0.20 -8.68
N THR A 71 -1.10 -0.56 -9.51
CA THR A 71 -1.11 -1.88 -10.10
C THR A 71 0.04 -2.13 -11.06
N LEU A 72 0.31 -1.10 -11.87
CA LEU A 72 1.42 -1.28 -12.82
C LEU A 72 2.75 -1.36 -12.07
N ARG A 73 2.96 -0.58 -11.02
CA ARG A 73 4.19 -0.64 -10.28
C ARG A 73 4.46 -2.05 -9.73
N ILE A 74 3.40 -2.56 -9.07
CA ILE A 74 3.60 -3.86 -8.43
C ILE A 74 3.66 -5.02 -9.44
N ALA A 75 2.93 -4.89 -10.57
CA ALA A 75 3.04 -5.85 -11.65
C ALA A 75 4.48 -5.89 -12.17
N TYR A 76 5.00 -4.65 -12.35
CA TYR A 76 6.38 -4.57 -12.87
C TYR A 76 7.33 -5.30 -11.95
N LEU A 77 7.23 -4.89 -10.64
CA LEU A 77 8.20 -5.44 -9.66
C LEU A 77 8.08 -6.92 -9.47
N THR A 78 6.90 -7.47 -9.60
CA THR A 78 6.73 -8.91 -9.40
C THR A 78 6.92 -9.71 -10.67
N GLU A 79 7.13 -8.99 -11.77
CA GLU A 79 7.27 -9.63 -13.10
C GLU A 79 5.98 -10.36 -13.52
N ALA A 80 4.87 -9.88 -13.04
CA ALA A 80 3.62 -10.54 -13.46
C ALA A 80 3.37 -10.39 -14.94
N LYS A 81 2.86 -11.50 -15.53
CA LYS A 81 2.45 -11.45 -16.94
C LYS A 81 1.26 -10.57 -17.13
N VAL A 82 1.39 -9.61 -18.04
CA VAL A 82 0.23 -8.79 -18.46
C VAL A 82 -0.37 -9.57 -19.64
N GLU A 83 -1.69 -9.87 -19.59
CA GLU A 83 -2.33 -10.52 -20.73
C GLU A 83 -2.75 -9.48 -21.74
N LYS A 84 -3.71 -8.63 -21.40
CA LYS A 84 -4.14 -7.63 -22.35
C LYS A 84 -4.19 -6.25 -21.73
N LEU A 85 -4.13 -5.21 -22.55
CA LEU A 85 -4.39 -3.85 -22.18
C LEU A 85 -5.53 -3.36 -23.06
N CYS A 86 -6.54 -2.71 -22.51
CA CYS A 86 -7.54 -1.91 -23.24
C CYS A 86 -7.02 -0.46 -23.20
N VAL A 87 -6.83 0.13 -24.36
CA VAL A 87 -6.30 1.49 -24.44
C VAL A 87 -7.16 2.40 -25.27
N TRP A 88 -7.04 3.69 -25.04
CA TRP A 88 -7.55 4.72 -25.97
C TRP A 88 -6.42 4.93 -26.95
N ASN A 89 -6.79 4.94 -28.28
CA ASN A 89 -5.80 5.05 -29.33
C ASN A 89 -5.84 6.44 -29.94
N ASN A 90 -6.51 7.37 -29.33
CA ASN A 90 -6.58 8.76 -29.77
C ASN A 90 -5.62 9.62 -28.93
N LYS A 91 -4.64 8.92 -28.30
CA LYS A 91 -3.58 9.54 -27.51
C LYS A 91 -2.31 8.77 -27.84
N THR A 92 -1.14 9.42 -27.79
CA THR A 92 0.16 8.79 -27.94
C THR A 92 1.05 9.13 -26.75
N PRO A 93 1.64 8.23 -26.06
CA PRO A 93 1.44 6.77 -26.13
C PRO A 93 -0.03 6.44 -25.93
N HIS A 94 -0.47 5.30 -26.43
CA HIS A 94 -1.87 4.89 -26.12
C HIS A 94 -2.08 4.87 -24.59
N ALA A 95 -3.27 5.31 -24.22
CA ALA A 95 -3.62 5.55 -22.84
C ALA A 95 -4.37 4.35 -22.24
N ILE A 96 -3.86 3.82 -21.13
CA ILE A 96 -4.52 2.64 -20.53
C ILE A 96 -5.86 2.95 -19.93
N ALA A 97 -6.83 2.10 -20.30
CA ALA A 97 -8.19 2.15 -19.72
C ALA A 97 -8.38 0.94 -18.80
N ALA A 98 -7.79 -0.20 -19.14
CA ALA A 98 -7.94 -1.39 -18.33
C ALA A 98 -6.78 -2.36 -18.60
N ILE A 99 -6.52 -3.21 -17.57
CA ILE A 99 -5.48 -4.21 -17.62
C ILE A 99 -6.00 -5.58 -17.21
N SER A 100 -5.56 -6.63 -17.85
CA SER A 100 -5.83 -8.00 -17.39
C SER A 100 -4.49 -8.69 -17.18
N MET A 101 -4.39 -9.44 -16.14
CA MET A 101 -3.21 -10.21 -15.77
C MET A 101 -3.63 -11.69 -15.67
N ALA A 102 -2.85 -12.53 -16.30
CA ALA A 102 -3.10 -13.96 -16.21
C ALA A 102 -1.85 -14.76 -16.58
N ASN A 103 -1.64 -15.91 -16.00
CA ASN A 103 -0.60 -16.87 -16.33
C ASN A 103 -0.62 -17.29 -17.75
N THR B 1 -20.71 -10.24 16.70
CA THR B 1 -20.54 -10.24 15.20
C THR B 1 -20.25 -11.62 14.70
N PRO B 2 -20.36 -11.79 13.38
CA PRO B 2 -20.14 -13.10 12.79
C PRO B 2 -18.75 -13.60 13.02
N GLN B 3 -18.58 -14.90 13.11
CA GLN B 3 -17.28 -15.49 13.32
C GLN B 3 -16.66 -16.00 12.04
N ASN B 4 -17.45 -16.13 10.96
CA ASN B 4 -16.90 -16.68 9.70
C ASN B 4 -17.70 -16.06 8.59
N ILE B 5 -17.21 -16.25 7.34
CA ILE B 5 -17.82 -15.73 6.16
C ILE B 5 -19.21 -16.33 5.85
N THR B 6 -19.41 -17.59 6.21
CA THR B 6 -20.73 -18.16 5.90
C THR B 6 -21.82 -17.53 6.75
N ASP B 7 -21.57 -17.31 8.03
CA ASP B 7 -22.55 -16.71 8.91
C ASP B 7 -22.75 -15.25 8.56
N LEU B 8 -21.64 -14.54 8.14
CA LEU B 8 -21.80 -13.21 7.69
C LEU B 8 -22.67 -13.08 6.45
N CYS B 9 -22.43 -13.96 5.48
CA CYS B 9 -23.11 -13.97 4.20
C CYS B 9 -24.61 -14.18 4.39
N ALA B 10 -24.92 -15.05 5.38
CA ALA B 10 -26.32 -15.34 5.69
C ALA B 10 -27.07 -14.19 6.30
N GLU B 11 -26.48 -13.06 6.68
CA GLU B 11 -27.17 -11.90 7.19
C GLU B 11 -27.82 -11.08 6.12
N TYR B 12 -27.57 -11.36 4.85
CA TYR B 12 -28.01 -10.50 3.76
C TYR B 12 -28.88 -11.31 2.80
N HIS B 13 -29.81 -10.64 2.15
CA HIS B 13 -30.58 -11.26 1.08
C HIS B 13 -29.78 -11.28 -0.22
N ASN B 14 -30.18 -12.12 -1.17
CA ASN B 14 -29.59 -12.19 -2.47
C ASN B 14 -28.09 -12.46 -2.40
N THR B 15 -27.64 -13.27 -1.48
CA THR B 15 -26.26 -13.71 -1.42
C THR B 15 -26.17 -15.22 -1.43
N GLN B 16 -24.96 -15.69 -1.82
CA GLN B 16 -24.60 -17.08 -1.74
C GLN B 16 -23.08 -17.14 -1.49
N ILE B 17 -22.66 -18.27 -0.97
CA ILE B 17 -21.28 -18.63 -0.84
C ILE B 17 -20.91 -19.41 -2.10
N HIS B 18 -19.77 -19.07 -2.71
CA HIS B 18 -19.08 -19.92 -3.65
C HIS B 18 -17.81 -20.43 -2.96
N THR B 19 -17.56 -21.75 -2.99
CA THR B 19 -16.36 -22.34 -2.46
C THR B 19 -15.39 -22.59 -3.59
N LEU B 20 -14.24 -21.93 -3.55
CA LEU B 20 -13.25 -22.01 -4.62
C LEU B 20 -12.11 -22.94 -4.32
N ASN B 21 -11.54 -22.75 -3.12
CA ASN B 21 -10.34 -23.42 -2.70
C ASN B 21 -9.25 -23.49 -3.79
N ASP B 22 -8.95 -22.27 -4.33
CA ASP B 22 -8.02 -22.17 -5.44
C ASP B 22 -7.46 -20.73 -5.49
N LYS B 23 -6.30 -20.62 -6.15
CA LYS B 23 -5.81 -19.30 -6.41
C LYS B 23 -6.60 -18.62 -7.50
N ILE B 24 -6.57 -17.28 -7.60
CA ILE B 24 -7.19 -16.54 -8.67
C ILE B 24 -6.45 -16.74 -9.98
N PHE B 25 -7.19 -17.03 -11.05
CA PHE B 25 -6.58 -17.28 -12.37
C PHE B 25 -6.27 -15.98 -13.15
N SER B 26 -7.24 -15.03 -13.10
CA SER B 26 -6.95 -13.76 -13.78
C SER B 26 -7.46 -12.62 -12.91
N TYR B 27 -6.84 -11.44 -13.05
CA TYR B 27 -7.23 -10.22 -12.35
C TYR B 27 -7.29 -9.16 -13.41
N THR B 28 -8.39 -8.46 -13.49
CA THR B 28 -8.61 -7.38 -14.44
C THR B 28 -9.13 -6.15 -13.64
N GLU B 29 -8.57 -4.99 -14.04
CA GLU B 29 -8.97 -3.77 -13.40
C GLU B 29 -9.15 -2.67 -14.42
N SER B 30 -10.13 -1.82 -14.20
CA SER B 30 -10.48 -0.75 -15.12
C SER B 30 -10.60 0.64 -14.50
N LEU B 31 -10.18 1.66 -15.23
CA LEU B 31 -10.37 3.06 -14.83
C LEU B 31 -11.30 3.77 -15.80
N ALA B 32 -11.93 3.01 -16.73
CA ALA B 32 -12.82 3.65 -17.69
C ALA B 32 -14.08 4.13 -16.96
N GLY B 33 -14.60 5.25 -17.44
CA GLY B 33 -15.72 5.90 -16.75
C GLY B 33 -16.91 5.01 -16.67
N LYS B 34 -17.48 4.97 -15.45
CA LYS B 34 -18.66 4.18 -15.18
C LYS B 34 -18.37 2.69 -15.15
N ARG B 35 -17.09 2.28 -15.31
CA ARG B 35 -16.65 0.93 -15.27
C ARG B 35 -15.34 0.79 -14.41
N GLU B 36 -15.37 1.59 -13.33
CA GLU B 36 -14.22 1.56 -12.38
C GLU B 36 -14.44 0.41 -11.38
N MET B 37 -13.97 -0.72 -11.83
CA MET B 37 -14.24 -2.03 -11.24
C MET B 37 -13.10 -2.99 -11.39
N ALA B 38 -13.19 -4.11 -10.70
CA ALA B 38 -12.21 -5.20 -10.82
C ALA B 38 -13.02 -6.46 -11.19
N ILE B 39 -12.45 -7.33 -11.98
CA ILE B 39 -13.07 -8.60 -12.32
C ILE B 39 -12.05 -9.68 -12.08
N ILE B 40 -12.36 -10.78 -11.35
CA ILE B 40 -11.49 -11.89 -11.18
C ILE B 40 -12.13 -13.15 -11.78
N THR B 41 -11.27 -14.05 -12.27
CA THR B 41 -11.75 -15.35 -12.68
C THR B 41 -10.91 -16.43 -12.01
N PHE B 42 -11.50 -17.63 -11.92
CA PHE B 42 -10.87 -18.85 -11.49
C PHE B 42 -10.74 -19.84 -12.68
N LYS B 43 -9.85 -20.80 -12.59
CA LYS B 43 -9.65 -21.71 -13.73
C LYS B 43 -10.87 -22.60 -14.01
N ASN B 44 -11.81 -22.70 -13.13
CA ASN B 44 -13.11 -23.36 -13.46
C ASN B 44 -14.04 -22.43 -14.23
N GLY B 45 -13.68 -21.27 -14.68
CA GLY B 45 -14.41 -20.28 -15.44
C GLY B 45 -15.28 -19.36 -14.60
N ALA B 46 -15.33 -19.54 -13.25
CA ALA B 46 -16.14 -18.66 -12.42
C ALA B 46 -15.57 -17.22 -12.47
N THR B 47 -16.50 -16.29 -12.64
CA THR B 47 -16.10 -14.87 -12.77
C THR B 47 -16.87 -14.07 -11.76
N PHE B 48 -16.13 -13.10 -11.15
CA PHE B 48 -16.71 -12.23 -10.11
C PHE B 48 -16.24 -10.79 -10.27
N GLN B 49 -17.09 -9.88 -9.83
CA GLN B 49 -16.74 -8.49 -9.89
C GLN B 49 -16.70 -7.83 -8.53
N VAL B 50 -15.87 -6.77 -8.39
CA VAL B 50 -16.08 -5.81 -7.32
C VAL B 50 -16.84 -4.67 -8.03
N GLU B 51 -18.06 -4.42 -7.66
CA GLU B 51 -18.91 -3.48 -8.36
C GLU B 51 -18.34 -2.05 -8.34
N VAL B 52 -18.70 -1.32 -9.36
CA VAL B 52 -18.45 0.11 -9.33
C VAL B 52 -19.19 0.71 -8.16
N PRO B 53 -18.63 1.62 -7.37
CA PRO B 53 -19.35 2.26 -6.29
C PRO B 53 -20.54 2.99 -6.87
N GLY B 54 -21.68 2.81 -6.14
CA GLY B 54 -22.92 3.48 -6.59
C GLY B 54 -23.88 3.71 -5.46
N SER B 55 -25.08 4.16 -5.82
CA SER B 55 -26.12 4.57 -4.90
C SER B 55 -26.63 3.40 -4.07
N GLN B 56 -26.33 2.13 -4.38
CA GLN B 56 -26.65 0.99 -3.61
C GLN B 56 -25.77 0.83 -2.36
N HIS B 57 -24.61 1.52 -2.40
CA HIS B 57 -23.68 1.37 -1.31
C HIS B 57 -23.85 2.50 -0.30
N ILE B 58 -23.72 2.15 0.97
CA ILE B 58 -23.76 3.18 1.99
C ILE B 58 -22.35 3.72 2.14
N ASP B 59 -22.27 4.90 2.78
CA ASP B 59 -20.99 5.57 2.91
C ASP B 59 -19.87 4.71 3.46
N SER B 60 -20.09 3.93 4.49
CA SER B 60 -19.09 3.07 5.10
C SER B 60 -18.58 1.95 4.21
N GLN B 61 -19.30 1.61 3.14
CA GLN B 61 -18.81 0.57 2.23
C GLN B 61 -17.78 1.15 1.23
N LYS B 62 -17.70 2.43 1.01
CA LYS B 62 -16.79 3.01 0.01
C LYS B 62 -15.37 2.59 0.27
N LYS B 63 -14.87 2.83 1.53
CA LYS B 63 -13.49 2.49 1.84
C LYS B 63 -13.23 1.00 1.70
N ALA B 64 -14.27 0.18 2.06
CA ALA B 64 -14.14 -1.25 2.03
C ALA B 64 -14.13 -1.76 0.60
N ILE B 65 -14.83 -1.14 -0.36
CA ILE B 65 -14.73 -1.52 -1.77
C ILE B 65 -13.28 -1.33 -2.24
N GLU B 66 -12.67 -0.16 -1.89
CA GLU B 66 -11.30 0.05 -2.32
C GLU B 66 -10.37 -0.97 -1.67
N ARG B 67 -10.55 -1.32 -0.44
CA ARG B 67 -9.77 -2.30 0.25
C ARG B 67 -9.87 -3.69 -0.43
N MET B 68 -11.15 -4.04 -0.84
CA MET B 68 -11.33 -5.33 -1.51
C MET B 68 -10.52 -5.48 -2.79
N LYS B 69 -10.54 -4.36 -3.59
CA LYS B 69 -9.69 -4.44 -4.80
C LYS B 69 -8.21 -4.51 -4.51
N ASP B 70 -7.79 -3.88 -3.42
CA ASP B 70 -6.38 -4.07 -2.98
C ASP B 70 -6.14 -5.55 -2.63
N THR B 71 -7.08 -6.14 -1.84
CA THR B 71 -6.94 -7.50 -1.40
C THR B 71 -6.86 -8.48 -2.57
N LEU B 72 -7.76 -8.31 -3.55
CA LEU B 72 -7.80 -9.23 -4.69
C LEU B 72 -6.52 -9.14 -5.56
N ARG B 73 -6.01 -7.90 -5.73
CA ARG B 73 -4.78 -7.71 -6.49
C ARG B 73 -3.60 -8.43 -5.83
N ILE B 74 -3.48 -8.26 -4.49
CA ILE B 74 -2.35 -8.89 -3.79
C ILE B 74 -2.53 -10.38 -3.63
N ALA B 75 -3.79 -10.83 -3.46
CA ALA B 75 -4.06 -12.25 -3.48
C ALA B 75 -3.61 -12.89 -4.80
N TYR B 76 -4.02 -12.19 -5.89
CA TYR B 76 -3.65 -12.66 -7.22
C TYR B 76 -2.15 -12.87 -7.34
N LEU B 77 -1.47 -11.73 -7.01
CA LEU B 77 -0.03 -11.73 -7.26
C LEU B 77 0.75 -12.72 -6.42
N THR B 78 0.29 -13.03 -5.21
CA THR B 78 0.95 -13.93 -4.31
C THR B 78 0.45 -15.36 -4.47
N GLU B 79 -0.52 -15.54 -5.39
CA GLU B 79 -1.09 -16.86 -5.66
C GLU B 79 -1.71 -17.47 -4.39
N ALA B 80 -2.29 -16.62 -3.54
CA ALA B 80 -2.93 -17.06 -2.32
C ALA B 80 -4.20 -17.87 -2.66
N LYS B 81 -4.44 -18.95 -1.94
CA LYS B 81 -5.71 -19.68 -2.17
C LYS B 81 -6.87 -18.96 -1.53
N VAL B 82 -7.92 -18.76 -2.33
CA VAL B 82 -9.16 -18.24 -1.92
C VAL B 82 -10.03 -19.44 -1.53
N GLU B 83 -10.47 -19.38 -0.26
CA GLU B 83 -11.34 -20.47 0.25
C GLU B 83 -12.72 -20.16 -0.30
N LYS B 84 -13.40 -19.14 0.20
CA LYS B 84 -14.74 -18.79 -0.15
C LYS B 84 -14.92 -17.34 -0.56
N LEU B 85 -15.93 -17.14 -1.41
CA LEU B 85 -16.46 -15.83 -1.67
C LEU B 85 -17.92 -15.75 -1.20
N CYS B 86 -18.32 -14.68 -0.55
CA CYS B 86 -19.71 -14.34 -0.33
C CYS B 86 -20.09 -13.29 -1.41
N VAL B 87 -21.06 -13.57 -2.26
CA VAL B 87 -21.41 -12.70 -3.37
C VAL B 87 -22.88 -12.37 -3.34
N TRP B 88 -23.20 -11.23 -3.90
CA TRP B 88 -24.60 -10.95 -4.30
C TRP B 88 -24.81 -11.63 -5.64
N ASN B 89 -25.90 -12.41 -5.73
CA ASN B 89 -26.20 -13.11 -6.98
C ASN B 89 -27.29 -12.47 -7.78
N ASN B 90 -27.68 -11.25 -7.56
CA ASN B 90 -28.63 -10.46 -8.32
C ASN B 90 -27.89 -9.49 -9.23
N LYS B 91 -26.60 -9.79 -9.46
CA LYS B 91 -25.71 -9.06 -10.39
C LYS B 91 -24.99 -10.09 -11.25
N THR B 92 -24.61 -9.69 -12.45
CA THR B 92 -23.77 -10.51 -13.32
C THR B 92 -22.57 -9.72 -13.76
N PRO B 93 -21.35 -10.20 -13.63
CA PRO B 93 -20.92 -11.30 -12.80
C PRO B 93 -21.38 -11.14 -11.34
N HIS B 94 -21.45 -12.20 -10.57
CA HIS B 94 -21.83 -12.07 -9.15
C HIS B 94 -20.84 -11.08 -8.48
N ALA B 95 -21.41 -10.29 -7.58
CA ALA B 95 -20.68 -9.16 -6.95
C ALA B 95 -20.16 -9.61 -5.59
N ILE B 96 -18.84 -9.40 -5.39
CA ILE B 96 -18.20 -9.78 -4.14
C ILE B 96 -18.60 -8.92 -2.96
N ALA B 97 -19.07 -9.59 -1.90
CA ALA B 97 -19.35 -8.95 -0.61
C ALA B 97 -18.30 -9.28 0.46
N ALA B 98 -17.67 -10.43 0.36
CA ALA B 98 -16.67 -10.85 1.33
C ALA B 98 -15.79 -11.90 0.76
N ILE B 99 -14.60 -12.09 1.27
CA ILE B 99 -13.67 -13.09 0.84
C ILE B 99 -13.03 -13.79 2.03
N SER B 100 -12.78 -15.08 1.94
CA SER B 100 -11.97 -15.74 2.96
C SER B 100 -10.79 -16.42 2.28
N MET B 101 -9.64 -16.40 2.91
CA MET B 101 -8.45 -17.02 2.45
C MET B 101 -7.98 -17.99 3.55
N ALA B 102 -7.58 -19.17 3.13
CA ALA B 102 -7.05 -20.16 4.02
C ALA B 102 -6.32 -21.18 3.10
N ASN B 103 -5.38 -21.85 3.72
CA ASN B 103 -4.60 -22.93 3.08
C ASN B 103 -3.78 -22.56 1.85
N THR C 1 5.21 6.48 27.17
CA THR C 1 4.41 5.47 26.44
C THR C 1 4.79 4.07 26.78
N PRO C 2 3.92 3.10 26.46
CA PRO C 2 4.21 1.71 26.75
C PRO C 2 5.43 1.25 25.99
N GLN C 3 6.16 0.34 26.57
CA GLN C 3 7.34 -0.27 26.00
C GLN C 3 7.00 -1.48 25.14
N ASN C 4 5.83 -2.08 25.40
CA ASN C 4 5.42 -3.34 24.77
C ASN C 4 3.91 -3.49 24.84
N ILE C 5 3.43 -4.51 24.09
CA ILE C 5 2.00 -4.73 23.97
C ILE C 5 1.28 -5.11 25.27
N THR C 6 2.00 -5.76 26.16
CA THR C 6 1.42 -6.15 27.48
C THR C 6 1.12 -4.95 28.33
N ASP C 7 2.07 -4.02 28.40
CA ASP C 7 1.91 -2.77 29.14
C ASP C 7 0.88 -1.87 28.52
N LEU C 8 0.81 -1.87 27.15
CA LEU C 8 -0.21 -1.05 26.52
C LEU C 8 -1.60 -1.61 26.81
N CYS C 9 -1.74 -2.94 26.69
CA CYS C 9 -3.06 -3.55 26.93
C CYS C 9 -3.55 -3.30 28.34
N ALA C 10 -2.68 -3.28 29.32
CA ALA C 10 -2.98 -3.07 30.72
C ALA C 10 -3.48 -1.67 31.00
N GLU C 11 -3.29 -0.70 30.11
CA GLU C 11 -3.83 0.62 30.25
C GLU C 11 -5.31 0.73 30.01
N TYR C 12 -5.95 -0.33 29.48
CA TYR C 12 -7.35 -0.25 29.08
C TYR C 12 -8.19 -1.24 29.91
N HIS C 13 -9.41 -0.86 30.14
CA HIS C 13 -10.30 -1.85 30.78
C HIS C 13 -10.81 -2.83 29.76
N ASN C 14 -11.26 -4.02 30.25
CA ASN C 14 -11.95 -5.00 29.42
C ASN C 14 -11.01 -5.54 28.36
N THR C 15 -9.76 -5.69 28.62
CA THR C 15 -8.85 -6.27 27.65
C THR C 15 -8.13 -7.46 28.20
N GLN C 16 -7.52 -8.26 27.35
CA GLN C 16 -6.64 -9.30 27.73
C GLN C 16 -5.54 -9.44 26.67
N ILE C 17 -4.48 -10.09 26.99
CA ILE C 17 -3.48 -10.56 26.06
C ILE C 17 -3.83 -12.01 25.72
N HIS C 18 -3.70 -12.36 24.42
CA HIS C 18 -3.64 -13.70 23.93
C HIS C 18 -2.23 -13.97 23.40
N THR C 19 -1.53 -15.02 23.77
CA THR C 19 -0.22 -15.34 23.25
C THR C 19 -0.46 -16.49 22.29
N LEU C 20 -0.16 -16.21 21.03
CA LEU C 20 -0.34 -17.19 19.95
C LEU C 20 0.95 -17.80 19.48
N ASN C 21 2.02 -17.00 19.25
CA ASN C 21 3.28 -17.45 18.64
C ASN C 21 2.98 -18.39 17.47
N ASP C 22 2.19 -17.91 16.48
CA ASP C 22 1.81 -18.73 15.33
C ASP C 22 1.37 -17.77 14.21
N LYS C 23 1.47 -18.29 13.00
CA LYS C 23 0.95 -17.54 11.86
C LYS C 23 -0.57 -17.62 11.83
N ILE C 24 -1.19 -16.66 11.12
CA ILE C 24 -2.63 -16.61 10.98
C ILE C 24 -3.09 -17.74 10.08
N PHE C 25 -4.12 -18.49 10.50
CA PHE C 25 -4.65 -19.62 9.65
C PHE C 25 -5.61 -19.19 8.59
N SER C 26 -6.43 -18.20 8.91
CA SER C 26 -7.37 -17.70 7.87
C SER C 26 -7.60 -16.20 8.06
N TYR C 27 -7.84 -15.54 6.91
CA TYR C 27 -8.10 -14.13 6.87
C TYR C 27 -9.39 -13.93 6.11
N THR C 28 -10.32 -13.23 6.63
CA THR C 28 -11.59 -12.90 5.99
C THR C 28 -11.83 -11.39 6.07
N GLU C 29 -12.36 -10.80 4.99
CA GLU C 29 -12.75 -9.43 4.99
C GLU C 29 -14.02 -9.28 4.18
N SER C 30 -14.76 -8.28 4.63
CA SER C 30 -16.08 -7.99 4.11
C SER C 30 -16.31 -6.50 3.79
N LEU C 31 -17.00 -6.21 2.71
CA LEU C 31 -17.47 -4.89 2.36
C LEU C 31 -19.00 -4.72 2.51
N ALA C 32 -19.60 -5.79 3.02
CA ALA C 32 -21.08 -5.66 3.18
C ALA C 32 -21.44 -4.57 4.21
N GLY C 33 -22.59 -3.94 4.02
CA GLY C 33 -22.98 -2.77 4.78
C GLY C 33 -23.26 -3.15 6.24
N LYS C 34 -22.58 -2.38 7.11
CA LYS C 34 -22.62 -2.58 8.54
C LYS C 34 -21.80 -3.75 8.97
N ARG C 35 -21.03 -4.43 8.06
CA ARG C 35 -20.15 -5.53 8.36
C ARG C 35 -18.79 -5.30 7.67
N GLU C 36 -18.42 -4.03 7.65
CA GLU C 36 -17.08 -3.67 7.01
C GLU C 36 -15.98 -3.97 8.04
N MET C 37 -15.51 -5.19 8.01
CA MET C 37 -14.70 -5.75 9.11
C MET C 37 -13.75 -6.83 8.55
N ALA C 38 -12.83 -7.21 9.40
CA ALA C 38 -11.97 -8.34 9.16
C ALA C 38 -12.09 -9.34 10.28
N ILE C 39 -11.90 -10.60 9.93
CA ILE C 39 -11.91 -11.68 10.91
C ILE C 39 -10.69 -12.54 10.66
N ILE C 40 -9.93 -12.91 11.66
CA ILE C 40 -8.84 -13.85 11.50
C ILE C 40 -9.02 -15.08 12.43
N THR C 41 -8.43 -16.20 12.04
CA THR C 41 -8.46 -17.38 12.92
C THR C 41 -7.07 -17.89 13.01
N PHE C 42 -6.77 -18.65 14.08
CA PHE C 42 -5.54 -19.42 14.27
C PHE C 42 -5.91 -20.93 14.27
N LYS C 43 -4.92 -21.74 14.00
CA LYS C 43 -5.23 -23.18 13.87
C LYS C 43 -5.80 -23.78 15.14
N ASN C 44 -5.69 -23.15 16.31
CA ASN C 44 -6.25 -23.68 17.55
C ASN C 44 -7.70 -23.30 17.71
N GLY C 45 -8.30 -22.63 16.76
CA GLY C 45 -9.63 -22.18 16.68
C GLY C 45 -9.88 -20.78 17.26
N ALA C 46 -8.84 -20.11 17.76
CA ALA C 46 -9.08 -18.78 18.27
C ALA C 46 -9.48 -17.85 17.06
N THR C 47 -10.50 -17.08 17.31
CA THR C 47 -11.05 -16.19 16.28
C THR C 47 -11.09 -14.79 16.81
N PHE C 48 -10.64 -13.80 15.96
CA PHE C 48 -10.66 -12.40 16.37
C PHE C 48 -11.16 -11.53 15.28
N GLN C 49 -11.73 -10.37 15.61
CA GLN C 49 -12.21 -9.42 14.62
C GLN C 49 -11.50 -8.06 14.76
N VAL C 50 -11.46 -7.37 13.64
CA VAL C 50 -11.24 -5.91 13.66
C VAL C 50 -12.63 -5.34 13.56
N GLU C 51 -13.13 -4.66 14.60
CA GLU C 51 -14.51 -4.20 14.58
C GLU C 51 -14.80 -3.26 13.45
N VAL C 52 -16.06 -3.22 13.08
CA VAL C 52 -16.62 -2.16 12.23
C VAL C 52 -16.47 -0.84 12.93
N PRO C 53 -16.02 0.23 12.31
CA PRO C 53 -15.90 1.51 12.98
C PRO C 53 -17.24 1.99 13.46
N GLY C 54 -17.32 2.46 14.71
CA GLY C 54 -18.57 2.96 15.24
C GLY C 54 -18.36 4.03 16.29
N SER C 55 -19.47 4.28 16.99
CA SER C 55 -19.53 5.32 17.99
C SER C 55 -18.63 5.01 19.15
N GLN C 56 -18.19 3.84 19.49
CA GLN C 56 -17.29 3.56 20.59
C GLN C 56 -15.87 4.00 20.17
N HIS C 57 -15.61 4.34 18.92
CA HIS C 57 -14.28 4.75 18.48
C HIS C 57 -14.13 6.25 18.44
N ILE C 58 -12.97 6.77 18.88
CA ILE C 58 -12.68 8.17 18.69
C ILE C 58 -12.10 8.37 17.28
N ASP C 59 -12.17 9.63 16.77
CA ASP C 59 -11.75 9.85 15.40
C ASP C 59 -10.34 9.35 15.08
N SER C 60 -9.38 9.56 15.95
CA SER C 60 -8.02 9.12 15.75
C SER C 60 -7.88 7.64 15.55
N GLN C 61 -8.85 6.85 16.02
CA GLN C 61 -8.81 5.40 15.81
C GLN C 61 -9.17 5.00 14.38
N LYS C 62 -9.86 5.86 13.66
CA LYS C 62 -10.30 5.42 12.32
C LYS C 62 -9.18 5.02 11.39
N LYS C 63 -8.19 5.88 11.29
CA LYS C 63 -7.04 5.54 10.47
C LYS C 63 -6.34 4.25 10.96
N ALA C 64 -6.34 4.09 12.30
CA ALA C 64 -5.64 2.95 12.88
C ALA C 64 -6.34 1.61 12.64
N ILE C 65 -7.69 1.70 12.59
CA ILE C 65 -8.47 0.48 12.24
C ILE C 65 -8.14 0.06 10.81
N GLU C 66 -8.08 1.08 9.91
CA GLU C 66 -7.72 0.71 8.55
C GLU C 66 -6.33 0.16 8.42
N ARG C 67 -5.41 0.75 9.17
CA ARG C 67 -4.06 0.23 9.15
C ARG C 67 -3.98 -1.22 9.68
N MET C 68 -4.80 -1.51 10.72
CA MET C 68 -4.73 -2.86 11.32
C MET C 68 -5.24 -3.91 10.34
N LYS C 69 -6.30 -3.56 9.57
CA LYS C 69 -6.71 -4.55 8.57
C LYS C 69 -5.61 -4.75 7.48
N ASP C 70 -4.91 -3.66 7.16
CA ASP C 70 -3.80 -3.74 6.25
C ASP C 70 -2.74 -4.74 6.81
N THR C 71 -2.38 -4.54 8.10
CA THR C 71 -1.38 -5.33 8.78
C THR C 71 -1.72 -6.80 8.81
N LEU C 72 -3.01 -7.05 9.16
CA LEU C 72 -3.40 -8.50 9.23
C LEU C 72 -3.34 -9.22 7.87
N ARG C 73 -3.79 -8.50 6.86
CA ARG C 73 -3.75 -9.00 5.49
C ARG C 73 -2.35 -9.43 5.07
N ILE C 74 -1.40 -8.48 5.28
CA ILE C 74 0.00 -8.79 4.88
C ILE C 74 0.67 -9.80 5.80
N ALA C 75 0.36 -9.75 7.14
CA ALA C 75 0.83 -10.80 8.00
C ALA C 75 0.39 -12.18 7.55
N TYR C 76 -0.89 -12.24 7.18
CA TYR C 76 -1.48 -13.51 6.71
C TYR C 76 -0.71 -14.01 5.50
N LEU C 77 -0.60 -13.09 4.48
CA LEU C 77 0.00 -13.51 3.23
C LEU C 77 1.50 -13.85 3.32
N THR C 78 2.17 -13.20 4.29
CA THR C 78 3.58 -13.54 4.46
C THR C 78 3.89 -14.62 5.47
N GLU C 79 2.82 -15.13 6.08
CA GLU C 79 2.93 -16.17 7.09
C GLU C 79 3.79 -15.72 8.25
N ALA C 80 3.72 -14.42 8.58
CA ALA C 80 4.43 -13.87 9.75
C ALA C 80 3.86 -14.39 11.05
N LYS C 81 4.80 -14.74 11.96
CA LYS C 81 4.34 -15.22 13.26
C LYS C 81 3.74 -14.09 14.06
N VAL C 82 2.54 -14.25 14.56
CA VAL C 82 1.91 -13.32 15.45
C VAL C 82 2.37 -13.79 16.85
N GLU C 83 2.96 -12.84 17.61
CA GLU C 83 3.34 -13.18 19.00
C GLU C 83 2.12 -13.07 19.90
N LYS C 84 1.65 -11.85 20.09
CA LYS C 84 0.53 -11.56 20.91
C LYS C 84 -0.51 -10.68 20.24
N LEU C 85 -1.74 -10.82 20.76
CA LEU C 85 -2.80 -9.88 20.44
C LEU C 85 -3.27 -9.28 21.76
N CYS C 86 -3.50 -7.98 21.81
CA CYS C 86 -4.19 -7.31 22.88
C CYS C 86 -5.66 -7.13 22.36
N VAL C 87 -6.64 -7.69 23.05
CA VAL C 87 -8.00 -7.59 22.55
C VAL C 87 -8.96 -7.06 23.61
N TRP C 88 -10.07 -6.54 23.25
CA TRP C 88 -11.20 -6.30 24.17
C TRP C 88 -11.92 -7.64 24.15
N ASN C 89 -12.05 -8.22 25.39
CA ASN C 89 -12.74 -9.46 25.63
C ASN C 89 -14.13 -9.23 26.06
N ASN C 90 -14.72 -8.06 25.87
CA ASN C 90 -16.11 -7.72 26.05
C ASN C 90 -16.91 -7.71 24.75
N LYS C 91 -16.36 -8.31 23.73
CA LYS C 91 -16.96 -8.46 22.40
C LYS C 91 -16.74 -9.89 21.96
N THR C 92 -17.62 -10.39 21.07
CA THR C 92 -17.47 -11.72 20.52
C THR C 92 -17.53 -11.64 19.02
N PRO C 93 -16.55 -12.14 18.29
CA PRO C 93 -15.24 -12.58 18.72
C PRO C 93 -14.47 -11.44 19.41
N HIS C 94 -13.43 -11.78 20.17
CA HIS C 94 -12.68 -10.69 20.84
C HIS C 94 -12.21 -9.72 19.73
N ALA C 95 -12.19 -8.44 20.09
CA ALA C 95 -11.87 -7.35 19.18
C ALA C 95 -10.41 -6.96 19.35
N ILE C 96 -9.68 -6.91 18.26
CA ILE C 96 -8.27 -6.52 18.25
C ILE C 96 -8.07 -5.05 18.58
N ALA C 97 -7.17 -4.87 19.61
CA ALA C 97 -6.70 -3.56 20.00
C ALA C 97 -5.25 -3.31 19.57
N ALA C 98 -4.45 -4.34 19.63
CA ALA C 98 -3.04 -4.23 19.20
C ALA C 98 -2.51 -5.60 18.86
N ILE C 99 -1.46 -5.62 18.08
CA ILE C 99 -0.81 -6.80 17.61
C ILE C 99 0.70 -6.69 17.81
N SER C 100 1.39 -7.78 18.20
CA SER C 100 2.84 -7.80 18.15
C SER C 100 3.29 -8.93 17.25
N MET C 101 4.33 -8.77 16.49
CA MET C 101 4.90 -9.82 15.64
C MET C 101 6.37 -9.96 16.05
N ALA C 102 6.82 -11.18 16.28
CA ALA C 102 8.20 -11.44 16.61
C ALA C 102 8.41 -12.92 16.24
N ASN C 103 9.64 -13.10 15.89
CA ASN C 103 10.26 -14.35 15.41
C ASN C 103 10.14 -14.47 13.90
N THR D 1 19.24 20.91 1.60
CA THR D 1 18.76 19.85 2.50
C THR D 1 19.89 18.91 2.88
N PRO D 2 19.61 18.16 3.94
CA PRO D 2 20.68 17.31 4.47
C PRO D 2 20.96 16.24 3.47
N GLN D 3 22.16 15.71 3.43
CA GLN D 3 22.56 14.65 2.55
C GLN D 3 22.35 13.28 3.11
N ASN D 4 22.18 13.21 4.47
CA ASN D 4 22.09 11.93 5.18
C ASN D 4 21.38 12.15 6.52
N ILE D 5 21.00 11.01 7.09
CA ILE D 5 20.26 11.00 8.34
C ILE D 5 21.05 11.64 9.53
N THR D 6 22.37 11.54 9.53
CA THR D 6 23.14 12.13 10.62
C THR D 6 23.04 13.63 10.58
N ASP D 7 23.23 14.23 9.36
CA ASP D 7 23.10 15.64 9.21
C ASP D 7 21.72 16.18 9.47
N LEU D 8 20.69 15.36 9.03
CA LEU D 8 19.31 15.75 9.32
C LEU D 8 19.04 15.78 10.80
N CYS D 9 19.48 14.74 11.49
CA CYS D 9 19.29 14.65 12.94
C CYS D 9 19.89 15.79 13.76
N ALA D 10 21.02 16.25 13.22
CA ALA D 10 21.69 17.36 13.91
C ALA D 10 21.02 18.69 13.81
N GLU D 11 20.05 18.86 12.92
CA GLU D 11 19.27 20.06 12.82
C GLU D 11 18.27 20.25 13.94
N TYR D 12 18.03 19.25 14.77
CA TYR D 12 17.00 19.29 15.78
C TYR D 12 17.56 19.20 17.20
N HIS D 13 16.89 19.81 18.17
CA HIS D 13 17.28 19.61 19.56
C HIS D 13 16.66 18.31 20.11
N ASN D 14 17.21 17.77 21.17
CA ASN D 14 16.78 16.58 21.85
C ASN D 14 16.89 15.35 20.93
N THR D 15 17.85 15.32 19.99
CA THR D 15 17.93 14.11 19.18
C THR D 15 19.23 13.39 19.37
N GLN D 16 19.28 12.16 18.91
CA GLN D 16 20.44 11.38 18.80
C GLN D 16 20.31 10.32 17.71
N ILE D 17 21.44 9.93 17.17
CA ILE D 17 21.50 8.83 16.23
C ILE D 17 21.72 7.55 17.01
N HIS D 18 21.00 6.48 16.70
CA HIS D 18 21.29 5.15 17.10
C HIS D 18 21.75 4.35 15.85
N THR D 19 22.87 3.65 15.88
CA THR D 19 23.38 2.86 14.79
C THR D 19 23.15 1.39 15.10
N LEU D 20 22.23 0.76 14.34
CA LEU D 20 21.74 -0.56 14.62
C LEU D 20 22.41 -1.60 13.73
N ASN D 21 22.44 -1.31 12.43
CA ASN D 21 22.90 -2.31 11.43
C ASN D 21 22.31 -3.68 11.71
N ASP D 22 20.97 -3.70 11.83
CA ASP D 22 20.31 -4.99 12.13
C ASP D 22 18.82 -4.91 11.73
N LYS D 23 18.29 -6.09 11.48
CA LYS D 23 16.83 -6.11 11.16
C LYS D 23 16.02 -5.84 12.40
N ILE D 24 14.75 -5.47 12.26
CA ILE D 24 13.83 -5.27 13.38
C ILE D 24 13.50 -6.62 14.00
N PHE D 25 13.57 -6.76 15.33
CA PHE D 25 13.24 -7.99 16.01
C PHE D 25 11.77 -8.10 16.30
N SER D 26 11.09 -7.05 16.67
CA SER D 26 9.65 -7.13 16.85
C SER D 26 8.99 -5.85 16.36
N TYR D 27 7.73 -6.03 15.95
CA TYR D 27 6.90 -4.93 15.45
C TYR D 27 5.54 -5.00 16.13
N THR D 28 5.15 -3.95 16.80
CA THR D 28 3.89 -3.83 17.49
C THR D 28 3.13 -2.63 16.96
N GLU D 29 1.83 -2.79 16.80
CA GLU D 29 0.99 -1.67 16.41
C GLU D 29 -0.34 -1.73 17.14
N SER D 30 -0.88 -0.60 17.50
CA SER D 30 -2.09 -0.47 18.29
C SER D 30 -3.07 0.48 17.64
N LEU D 31 -4.38 0.19 17.76
CA LEU D 31 -5.46 1.06 17.35
C LEU D 31 -6.24 1.57 18.56
N ALA D 32 -5.77 1.23 19.79
CA ALA D 32 -6.46 1.64 21.03
C ALA D 32 -6.46 3.18 21.12
N GLY D 33 -7.52 3.78 21.59
CA GLY D 33 -7.74 5.23 21.57
C GLY D 33 -6.68 5.95 22.39
N LYS D 34 -6.05 6.98 21.82
CA LYS D 34 -4.93 7.71 22.45
C LYS D 34 -3.63 6.94 22.50
N ARG D 35 -3.51 5.74 21.87
CA ARG D 35 -2.33 4.92 21.75
C ARG D 35 -2.29 4.35 20.33
N GLU D 36 -2.65 5.21 19.38
CA GLU D 36 -2.56 4.77 17.98
C GLU D 36 -1.11 5.01 17.54
N MET D 37 -0.30 3.98 17.65
CA MET D 37 1.15 4.12 17.58
C MET D 37 1.77 2.83 17.16
N ALA D 38 3.06 2.78 16.89
CA ALA D 38 3.79 1.57 16.61
C ALA D 38 4.99 1.61 17.57
N ILE D 39 5.48 0.45 17.89
CA ILE D 39 6.66 0.20 18.74
C ILE D 39 7.53 -0.88 18.12
N ILE D 40 8.84 -0.66 17.93
CA ILE D 40 9.71 -1.71 17.42
C ILE D 40 10.80 -1.95 18.47
N THR D 41 11.32 -3.17 18.38
CA THR D 41 12.50 -3.52 19.16
C THR D 41 13.52 -4.17 18.28
N PHE D 42 14.79 -4.12 18.70
CA PHE D 42 15.89 -4.84 18.11
C PHE D 42 16.38 -5.92 19.14
N LYS D 43 17.17 -6.83 18.58
CA LYS D 43 17.58 -8.01 19.38
C LYS D 43 18.31 -7.57 20.66
N ASN D 44 19.06 -6.53 20.59
CA ASN D 44 19.71 -6.10 21.90
C ASN D 44 18.72 -5.56 22.88
N GLY D 45 17.48 -5.31 22.64
CA GLY D 45 16.48 -4.76 23.48
C GLY D 45 16.14 -3.31 23.20
N ALA D 46 16.90 -2.63 22.34
CA ALA D 46 16.62 -1.18 22.14
C ALA D 46 15.20 -1.04 21.56
N THR D 47 14.41 -0.17 22.11
CA THR D 47 13.00 0.00 21.84
C THR D 47 12.72 1.42 21.40
N PHE D 48 11.85 1.57 20.36
CA PHE D 48 11.53 2.82 19.74
C PHE D 48 10.07 2.91 19.43
N GLN D 49 9.54 4.09 19.45
CA GLN D 49 8.16 4.34 19.08
C GLN D 49 8.00 5.29 17.90
N VAL D 50 6.85 5.10 17.19
CA VAL D 50 6.33 6.19 16.39
C VAL D 50 5.21 6.83 17.22
N GLU D 51 5.40 8.08 17.64
CA GLU D 51 4.46 8.66 18.56
C GLU D 51 3.06 8.81 17.99
N VAL D 52 2.09 8.76 18.89
CA VAL D 52 0.72 9.12 18.50
C VAL D 52 0.71 10.53 18.03
N PRO D 53 0.08 10.90 16.93
CA PRO D 53 0.02 12.31 16.55
C PRO D 53 -0.57 13.22 17.61
N GLY D 54 0.10 14.33 17.87
CA GLY D 54 -0.33 15.24 18.93
C GLY D 54 -0.10 16.66 18.68
N SER D 55 -0.29 17.51 19.71
CA SER D 55 -0.15 18.92 19.58
C SER D 55 1.29 19.28 19.36
N GLN D 56 2.28 18.42 19.56
CA GLN D 56 3.66 18.72 19.27
C GLN D 56 3.96 18.67 17.80
N HIS D 57 3.12 18.07 16.96
CA HIS D 57 3.38 17.88 15.58
C HIS D 57 2.73 18.96 14.75
N ILE D 58 3.38 19.31 13.68
CA ILE D 58 2.78 20.26 12.69
C ILE D 58 2.05 19.44 11.64
N ASP D 59 1.15 20.08 10.89
CA ASP D 59 0.27 19.36 9.98
C ASP D 59 1.07 18.51 9.00
N SER D 60 2.16 19.11 8.45
CA SER D 60 2.96 18.39 7.49
C SER D 60 3.52 17.06 7.97
N GLN D 61 3.67 16.87 9.30
CA GLN D 61 4.19 15.65 9.87
C GLN D 61 3.13 14.54 9.89
N LYS D 62 1.83 14.91 9.80
CA LYS D 62 0.85 13.86 9.95
C LYS D 62 0.93 12.75 8.94
N LYS D 63 1.06 13.08 7.65
CA LYS D 63 1.20 12.08 6.61
C LYS D 63 2.48 11.27 6.76
N ALA D 64 3.54 12.00 7.25
CA ALA D 64 4.85 11.33 7.39
C ALA D 64 4.87 10.36 8.57
N ILE D 65 4.06 10.64 9.62
CA ILE D 65 3.90 9.66 10.69
C ILE D 65 3.28 8.37 10.12
N GLU D 66 2.19 8.59 9.32
CA GLU D 66 1.56 7.38 8.76
C GLU D 66 2.51 6.61 7.87
N ARG D 67 3.31 7.34 7.06
CA ARG D 67 4.28 6.65 6.20
C ARG D 67 5.34 5.87 7.00
N MET D 68 5.77 6.51 8.13
CA MET D 68 6.82 5.78 8.93
C MET D 68 6.31 4.43 9.45
N LYS D 69 5.00 4.48 9.94
CA LYS D 69 4.48 3.17 10.39
C LYS D 69 4.42 2.18 9.23
N ASP D 70 4.07 2.66 8.03
CA ASP D 70 4.08 1.75 6.82
C ASP D 70 5.48 1.19 6.65
N THR D 71 6.48 2.08 6.73
CA THR D 71 7.89 1.73 6.51
C THR D 71 8.43 0.61 7.43
N LEU D 72 8.10 0.91 8.72
CA LEU D 72 8.55 -0.04 9.74
C LEU D 72 7.92 -1.41 9.57
N ARG D 73 6.60 -1.40 9.26
CA ARG D 73 5.94 -2.72 9.07
C ARG D 73 6.58 -3.55 7.95
N ILE D 74 6.74 -2.86 6.81
CA ILE D 74 7.35 -3.59 5.67
C ILE D 74 8.83 -3.95 5.90
N ALA D 75 9.57 -3.04 6.54
CA ALA D 75 10.95 -3.37 6.90
C ALA D 75 11.01 -4.62 7.77
N TYR D 76 10.13 -4.67 8.77
CA TYR D 76 10.04 -5.82 9.64
C TYR D 76 9.76 -7.09 8.83
N LEU D 77 8.74 -7.03 7.98
CA LEU D 77 8.32 -8.28 7.33
C LEU D 77 9.29 -8.75 6.28
N THR D 78 10.10 -7.84 5.70
CA THR D 78 11.11 -8.19 4.72
C THR D 78 12.45 -8.50 5.36
N GLU D 79 12.58 -8.29 6.68
CA GLU D 79 13.89 -8.44 7.35
C GLU D 79 14.94 -7.47 6.84
N ALA D 80 14.53 -6.29 6.40
CA ALA D 80 15.47 -5.27 5.92
C ALA D 80 16.40 -4.83 7.05
N LYS D 81 17.69 -4.68 6.75
CA LYS D 81 18.57 -4.15 7.80
C LYS D 81 18.33 -2.65 8.00
N VAL D 82 18.12 -2.22 9.20
CA VAL D 82 18.04 -0.79 9.54
C VAL D 82 19.47 -0.39 9.90
N GLU D 83 19.93 0.67 9.23
CA GLU D 83 21.24 1.21 9.47
C GLU D 83 21.13 2.08 10.72
N LYS D 84 20.49 3.22 10.63
CA LYS D 84 20.40 4.19 11.73
C LYS D 84 18.96 4.64 11.92
N LEU D 85 18.72 5.03 13.16
CA LEU D 85 17.51 5.75 13.52
C LEU D 85 17.92 7.11 14.13
N CYS D 86 17.28 8.17 13.70
CA CYS D 86 17.38 9.48 14.33
C CYS D 86 16.17 9.55 15.27
N VAL D 87 16.34 9.77 16.59
CA VAL D 87 15.26 9.75 17.53
C VAL D 87 15.27 11.02 18.40
N TRP D 88 14.12 11.35 18.92
CA TRP D 88 14.00 12.35 20.05
C TRP D 88 14.15 11.53 21.32
N ASN D 89 15.08 12.01 22.16
CA ASN D 89 15.45 11.29 23.40
C ASN D 89 14.84 11.95 24.61
N ASN D 90 13.86 12.80 24.41
CA ASN D 90 13.09 13.39 25.52
C ASN D 90 11.80 12.63 25.69
N LYS D 91 11.67 11.41 25.14
CA LYS D 91 10.46 10.60 25.27
C LYS D 91 10.95 9.20 25.59
N THR D 92 10.09 8.36 26.14
CA THR D 92 10.41 6.92 26.28
C THR D 92 9.13 6.14 25.87
N PRO D 93 9.33 5.15 25.01
CA PRO D 93 10.54 4.86 24.30
C PRO D 93 10.96 6.07 23.46
N HIS D 94 12.25 6.12 23.06
CA HIS D 94 12.68 7.19 22.18
C HIS D 94 11.80 7.24 20.91
N ALA D 95 11.47 8.42 20.47
CA ALA D 95 10.56 8.64 19.34
C ALA D 95 11.31 8.78 18.04
N ILE D 96 10.89 7.95 17.06
CA ILE D 96 11.58 8.01 15.77
C ILE D 96 11.24 9.28 14.98
N ALA D 97 12.33 9.91 14.52
CA ALA D 97 12.28 11.07 13.65
C ALA D 97 12.61 10.71 12.22
N ALA D 98 13.54 9.80 12.08
CA ALA D 98 13.97 9.34 10.75
C ALA D 98 14.64 7.99 10.80
N ILE D 99 14.57 7.30 9.65
CA ILE D 99 15.19 5.98 9.55
C ILE D 99 16.07 5.87 8.31
N SER D 100 17.19 5.15 8.37
CA SER D 100 17.96 4.84 7.17
C SER D 100 18.09 3.29 7.12
N MET D 101 17.97 2.77 5.92
CA MET D 101 18.11 1.37 5.60
C MET D 101 19.28 1.22 4.61
N ALA D 102 20.19 0.31 4.90
CA ALA D 102 21.28 0.03 4.02
C ALA D 102 21.84 -1.36 4.39
N ASN D 103 22.37 -1.95 3.33
CA ASN D 103 22.83 -3.33 3.32
C ASN D 103 23.78 -3.84 4.34
N THR E 1 1.86 12.82 -25.33
CA THR E 1 2.56 12.92 -24.03
C THR E 1 3.91 12.24 -24.21
N PRO E 2 4.79 12.35 -23.19
CA PRO E 2 6.11 11.82 -23.36
C PRO E 2 6.11 10.33 -23.52
N GLN E 3 7.03 9.84 -24.37
CA GLN E 3 7.23 8.45 -24.59
C GLN E 3 8.16 7.78 -23.62
N ASN E 4 8.98 8.60 -22.93
CA ASN E 4 10.01 8.08 -22.03
C ASN E 4 10.50 9.19 -21.10
N ILE E 5 11.27 8.75 -20.14
CA ILE E 5 11.75 9.68 -19.11
C ILE E 5 12.64 10.76 -19.67
N THR E 6 13.41 10.43 -20.72
CA THR E 6 14.28 11.45 -21.28
C THR E 6 13.46 12.57 -21.91
N ASP E 7 12.45 12.23 -22.72
CA ASP E 7 11.59 13.28 -23.31
C ASP E 7 10.82 14.09 -22.29
N LEU E 8 10.37 13.40 -21.20
CA LEU E 8 9.61 14.11 -20.14
C LEU E 8 10.54 15.13 -19.48
N CYS E 9 11.75 14.66 -19.13
CA CYS E 9 12.74 15.49 -18.40
C CYS E 9 13.07 16.72 -19.19
N ALA E 10 13.14 16.57 -20.53
CA ALA E 10 13.47 17.71 -21.38
C ALA E 10 12.37 18.73 -21.46
N GLU E 11 11.17 18.58 -20.92
CA GLU E 11 10.13 19.55 -20.95
C GLU E 11 10.35 20.64 -19.87
N TYR E 12 11.25 20.40 -18.96
CA TYR E 12 11.50 21.24 -17.78
C TYR E 12 12.89 21.87 -17.74
N HIS E 13 12.88 23.09 -17.19
CA HIS E 13 14.19 23.72 -16.99
C HIS E 13 14.89 23.21 -15.76
N ASN E 14 16.20 23.30 -15.64
CA ASN E 14 17.00 22.94 -14.51
C ASN E 14 16.96 21.42 -14.27
N THR E 15 16.76 20.64 -15.33
CA THR E 15 16.76 19.21 -15.15
C THR E 15 17.90 18.51 -15.85
N GLN E 16 18.19 17.31 -15.38
CA GLN E 16 19.11 16.46 -16.05
C GLN E 16 18.75 14.99 -15.83
N ILE E 17 19.22 14.14 -16.70
CA ILE E 17 19.06 12.69 -16.50
C ILE E 17 20.33 12.11 -15.91
N HIS E 18 20.21 11.31 -14.90
CA HIS E 18 21.24 10.47 -14.33
C HIS E 18 20.93 9.02 -14.72
N THR E 19 21.85 8.32 -15.35
CA THR E 19 21.72 6.95 -15.76
C THR E 19 22.47 6.09 -14.76
N LEU E 20 21.70 5.34 -13.97
CA LEU E 20 22.30 4.52 -12.95
C LEU E 20 22.55 3.07 -13.29
N ASN E 21 21.46 2.42 -13.81
CA ASN E 21 21.45 1.01 -14.06
C ASN E 21 21.97 0.21 -12.87
N ASP E 22 21.39 0.50 -11.68
CA ASP E 22 21.73 -0.18 -10.45
C ASP E 22 20.60 -0.04 -9.41
N LYS E 23 20.64 -1.00 -8.51
CA LYS E 23 19.66 -0.91 -7.42
C LYS E 23 20.07 0.23 -6.50
N ILE E 24 19.10 0.64 -5.66
CA ILE E 24 19.33 1.69 -4.62
C ILE E 24 20.10 1.07 -3.50
N PHE E 25 21.16 1.76 -3.01
CA PHE E 25 22.01 1.27 -1.93
C PHE E 25 21.50 1.67 -0.56
N SER E 26 20.89 2.81 -0.41
CA SER E 26 20.33 3.19 0.91
C SER E 26 19.06 4.03 0.69
N TYR E 27 18.12 3.87 1.66
CA TYR E 27 16.86 4.59 1.66
C TYR E 27 16.67 5.18 3.03
N THR E 28 16.45 6.47 3.03
CA THR E 28 16.23 7.23 4.27
C THR E 28 14.91 7.98 4.16
N GLU E 29 14.15 8.00 5.25
CA GLU E 29 12.95 8.84 5.26
C GLU E 29 12.83 9.45 6.65
N SER E 30 12.29 10.66 6.64
CA SER E 30 12.11 11.48 7.83
C SER E 30 10.69 12.06 8.02
N LEU E 31 10.26 12.03 9.27
CA LEU E 31 9.01 12.67 9.64
C LEU E 31 9.26 13.96 10.42
N ALA E 32 10.53 14.36 10.59
CA ALA E 32 10.81 15.59 11.41
C ALA E 32 10.23 16.82 10.70
N GLY E 33 9.73 17.78 11.49
CA GLY E 33 9.02 18.92 10.95
C GLY E 33 9.86 19.73 10.02
N LYS E 34 9.37 20.01 8.83
CA LYS E 34 10.03 20.78 7.78
C LYS E 34 11.10 19.96 7.08
N ARG E 35 11.20 18.66 7.44
CA ARG E 35 12.12 17.75 6.78
C ARG E 35 11.41 16.43 6.45
N GLU E 36 10.14 16.58 6.07
CA GLU E 36 9.34 15.39 5.69
C GLU E 36 9.67 15.01 4.26
N MET E 37 10.74 14.25 4.11
CA MET E 37 11.43 13.92 2.88
C MET E 37 12.01 12.51 2.85
N ALA E 38 12.51 12.14 1.66
CA ALA E 38 13.22 10.87 1.51
C ALA E 38 14.57 11.20 0.86
N ILE E 39 15.59 10.36 1.15
CA ILE E 39 16.90 10.53 0.53
C ILE E 39 17.33 9.12 0.07
N ILE E 40 17.84 8.97 -1.16
CA ILE E 40 18.35 7.67 -1.55
C ILE E 40 19.82 7.86 -1.96
N THR E 41 20.60 6.80 -1.86
CA THR E 41 21.90 6.83 -2.44
C THR E 41 22.13 5.58 -3.25
N PHE E 42 23.09 5.64 -4.15
CA PHE E 42 23.54 4.56 -4.93
C PHE E 42 24.93 4.08 -4.44
N LYS E 43 25.42 2.91 -4.83
CA LYS E 43 26.68 2.41 -4.32
C LYS E 43 27.83 3.37 -4.66
N ASN E 44 27.79 4.08 -5.78
CA ASN E 44 28.87 5.05 -6.10
C ASN E 44 28.76 6.28 -5.22
N GLY E 45 27.86 6.42 -4.33
CA GLY E 45 27.72 7.55 -3.46
C GLY E 45 26.71 8.58 -3.85
N ALA E 46 26.33 8.61 -5.15
CA ALA E 46 25.40 9.62 -5.62
C ALA E 46 24.09 9.62 -4.80
N THR E 47 23.70 10.80 -4.42
CA THR E 47 22.60 11.03 -3.49
C THR E 47 21.52 11.92 -4.09
N PHE E 48 20.27 11.53 -3.87
CA PHE E 48 19.08 12.20 -4.43
C PHE E 48 18.00 12.41 -3.34
N GLN E 49 17.21 13.39 -3.47
CA GLN E 49 16.12 13.57 -2.52
C GLN E 49 14.76 13.58 -3.24
N VAL E 50 13.74 13.24 -2.45
CA VAL E 50 12.34 13.64 -2.75
C VAL E 50 12.06 14.87 -1.84
N GLU E 51 11.91 16.03 -2.43
CA GLU E 51 11.82 17.27 -1.66
C GLU E 51 10.62 17.22 -0.74
N VAL E 52 10.72 17.98 0.37
CA VAL E 52 9.60 18.34 1.22
C VAL E 52 8.55 19.02 0.37
N PRO E 53 7.26 18.78 0.47
CA PRO E 53 6.27 19.53 -0.31
C PRO E 53 6.33 21.00 0.05
N GLY E 54 6.30 21.85 -0.93
CA GLY E 54 6.33 23.29 -0.62
C GLY E 54 5.62 24.11 -1.71
N SER E 55 5.94 25.42 -1.56
CA SER E 55 5.26 26.38 -2.40
C SER E 55 5.71 26.30 -3.83
N GLN E 56 6.76 25.64 -4.19
CA GLN E 56 7.15 25.44 -5.59
C GLN E 56 6.35 24.32 -6.23
N HIS E 57 5.57 23.57 -5.47
CA HIS E 57 4.81 22.48 -6.07
C HIS E 57 3.35 22.89 -6.28
N ILE E 58 2.82 22.45 -7.42
CA ILE E 58 1.39 22.67 -7.64
C ILE E 58 0.70 21.53 -6.92
N ASP E 59 -0.67 21.75 -6.78
CA ASP E 59 -1.40 20.83 -5.93
C ASP E 59 -1.35 19.38 -6.44
N SER E 60 -1.42 19.22 -7.78
CA SER E 60 -1.38 17.90 -8.38
C SER E 60 -0.12 17.11 -8.17
N GLN E 61 1.00 17.82 -7.86
CA GLN E 61 2.26 17.18 -7.53
C GLN E 61 2.24 16.60 -6.12
N LYS E 62 1.37 17.10 -5.25
CA LYS E 62 1.42 16.59 -3.88
C LYS E 62 1.29 15.09 -3.82
N LYS E 63 0.22 14.61 -4.47
CA LYS E 63 -0.09 13.19 -4.49
C LYS E 63 1.06 12.41 -5.14
N ALA E 64 1.72 12.99 -6.17
CA ALA E 64 2.74 12.29 -6.89
C ALA E 64 4.01 12.23 -6.03
N ILE E 65 4.27 13.23 -5.19
CA ILE E 65 5.36 13.18 -4.23
C ILE E 65 5.22 12.02 -3.27
N GLU E 66 4.01 11.81 -2.77
CA GLU E 66 3.70 10.71 -1.89
C GLU E 66 3.96 9.36 -2.58
N ARG E 67 3.45 9.27 -3.79
CA ARG E 67 3.65 8.10 -4.62
C ARG E 67 5.14 7.77 -4.87
N MET E 68 5.89 8.84 -5.17
CA MET E 68 7.34 8.61 -5.45
C MET E 68 8.06 8.03 -4.22
N LYS E 69 7.70 8.59 -3.00
CA LYS E 69 8.36 7.93 -1.83
C LYS E 69 7.97 6.48 -1.65
N ASP E 70 6.68 6.17 -1.94
CA ASP E 70 6.23 4.79 -1.93
C ASP E 70 7.06 3.96 -2.93
N THR E 71 7.24 4.53 -4.15
CA THR E 71 7.98 3.80 -5.16
C THR E 71 9.42 3.51 -4.77
N LEU E 72 10.09 4.56 -4.23
CA LEU E 72 11.50 4.38 -3.88
C LEU E 72 11.65 3.36 -2.74
N ARG E 73 10.75 3.38 -1.77
CA ARG E 73 10.86 2.39 -0.72
C ARG E 73 10.71 0.92 -1.21
N ILE E 74 9.65 0.72 -2.07
CA ILE E 74 9.54 -0.65 -2.55
C ILE E 74 10.62 -1.05 -3.57
N ALA E 75 11.09 -0.07 -4.37
CA ALA E 75 12.21 -0.36 -5.22
C ALA E 75 13.47 -0.85 -4.43
N TYR E 76 13.70 -0.02 -3.35
CA TYR E 76 14.81 -0.33 -2.46
C TYR E 76 14.66 -1.76 -1.91
N LEU E 77 13.47 -2.06 -1.35
CA LEU E 77 13.31 -3.36 -0.70
C LEU E 77 13.35 -4.56 -1.62
N THR E 78 12.92 -4.34 -2.85
CA THR E 78 12.95 -5.44 -3.83
C THR E 78 14.23 -5.50 -4.64
N GLU E 79 15.14 -4.55 -4.35
CA GLU E 79 16.43 -4.51 -5.06
C GLU E 79 16.23 -4.31 -6.55
N ALA E 80 15.18 -3.58 -6.96
CA ALA E 80 14.92 -3.27 -8.34
C ALA E 80 15.95 -2.38 -8.98
N LYS E 81 16.43 -2.73 -10.14
CA LYS E 81 17.38 -1.81 -10.76
C LYS E 81 16.68 -0.57 -11.24
N VAL E 82 17.24 0.58 -10.89
CA VAL E 82 16.87 1.86 -11.36
C VAL E 82 17.63 2.12 -12.67
N GLU E 83 16.89 2.43 -13.74
CA GLU E 83 17.57 2.76 -14.98
C GLU E 83 18.07 4.21 -14.90
N LYS E 84 17.10 5.13 -14.89
CA LYS E 84 17.39 6.55 -14.92
C LYS E 84 16.59 7.32 -13.88
N LEU E 85 17.17 8.45 -13.47
CA LEU E 85 16.44 9.41 -12.70
C LEU E 85 16.38 10.76 -13.49
N CYS E 86 15.27 11.44 -13.53
CA CYS E 86 15.20 12.82 -14.03
C CYS E 86 15.22 13.64 -12.76
N VAL E 87 16.11 14.60 -12.61
CA VAL E 87 16.21 15.42 -11.38
C VAL E 87 16.27 16.90 -11.70
N TRP E 88 15.91 17.69 -10.71
CA TRP E 88 16.22 19.14 -10.75
C TRP E 88 17.56 19.33 -10.04
N ASN E 89 18.52 19.91 -10.80
CA ASN E 89 19.86 20.09 -10.37
C ASN E 89 20.18 21.48 -9.74
N ASN E 90 19.14 22.20 -9.43
CA ASN E 90 19.22 23.48 -8.72
C ASN E 90 19.04 23.33 -7.20
N LYS E 91 18.98 22.08 -6.80
CA LYS E 91 18.88 21.68 -5.42
C LYS E 91 19.99 20.72 -5.05
N THR E 92 20.37 20.65 -3.78
CA THR E 92 21.29 19.65 -3.25
C THR E 92 20.67 18.97 -2.06
N PRO E 93 20.62 17.66 -1.98
CA PRO E 93 20.82 16.69 -3.11
C PRO E 93 19.89 17.04 -4.28
N HIS E 94 20.24 16.64 -5.48
CA HIS E 94 19.37 16.83 -6.64
C HIS E 94 17.99 16.22 -6.33
N ALA E 95 16.96 16.90 -6.80
CA ALA E 95 15.59 16.54 -6.43
C ALA E 95 14.96 15.73 -7.54
N ILE E 96 14.41 14.57 -7.14
CA ILE E 96 13.80 13.68 -8.10
C ILE E 96 12.51 14.23 -8.69
N ALA E 97 12.46 14.25 -10.05
CA ALA E 97 11.22 14.56 -10.79
C ALA E 97 10.63 13.28 -11.36
N ALA E 98 11.42 12.32 -11.73
CA ALA E 98 10.89 11.09 -12.35
C ALA E 98 11.88 9.97 -12.19
N ILE E 99 11.38 8.75 -12.26
CA ILE E 99 12.23 7.56 -12.19
C ILE E 99 11.83 6.56 -13.28
N SER E 100 12.81 5.85 -13.82
CA SER E 100 12.52 4.73 -14.67
C SER E 100 13.21 3.52 -14.08
N MET E 101 12.57 2.36 -14.15
CA MET E 101 13.08 1.08 -13.71
C MET E 101 13.10 0.09 -14.91
N ALA E 102 14.20 -0.59 -15.09
CA ALA E 102 14.30 -1.58 -16.16
C ALA E 102 15.45 -2.52 -15.78
N ASN E 103 15.38 -3.78 -16.14
CA ASN E 103 16.31 -4.85 -15.70
C ASN E 103 17.51 -4.96 -16.57
C1 FNG F . -11.89 10.42 -23.39
O1 FNG F . -12.58 9.26 -23.85
C2 FNG F . -10.72 10.58 -24.32
O2 FNG F . -11.16 10.71 -25.71
C3 FNG F . -9.72 9.39 -24.10
O3 FNG F . -8.52 9.70 -24.87
C4 FNG F . -9.29 9.27 -22.67
O4 FNG F . -8.51 10.44 -22.25
C5 FNG F . -10.52 9.14 -21.85
O5 FNG F . -11.44 10.23 -22.07
C6 FNG F . -10.25 9.17 -20.32
O6 FNG F . -11.50 8.91 -19.68
C7 FNG F . -13.82 8.99 -23.21
C12 FNG F . -13.79 8.17 -22.09
C11 FNG F . -15.04 7.94 -21.52
C10 FNG F . -16.23 8.47 -22.01
C9 FNG F . -16.15 9.29 -23.15
C8 FNG F . -14.95 9.56 -23.78
N16 FNG F . -15.06 7.14 -20.26
O17 FNG F . -16.17 6.89 -19.86
O18 FNG F . -13.98 6.60 -19.94
C13 FNG F . -17.42 9.84 -23.73
N15 FNG F . -18.47 9.33 -23.27
O14 FNG F . -17.36 10.70 -24.58
C1 LNQ G . -19.76 9.32 -23.96
C2 LNQ G . -20.23 7.92 -23.78
C3 LNQ G . -19.51 6.78 -24.48
O4 LNQ G . -18.80 6.18 -23.36
C5 LNQ G . -19.18 4.83 -23.05
C6 LNQ G . -20.04 5.00 -21.79
O7 LNQ G . -19.83 3.94 -20.89
C8 LNQ G . -19.76 2.53 -21.05
C9 LNQ G . -20.19 1.96 -19.72
O10 LNQ G . -21.28 2.76 -19.24
C11 LNQ G . -22.06 2.06 -18.25
C12 LNQ G . -23.22 3.00 -17.95
C13 LNQ G . -23.69 3.15 -16.44
N14 LNQ G . -25.16 3.42 -16.12
C15 LNQ G . -25.67 2.81 -15.04
C16 LNQ G . -26.14 1.37 -15.00
C17 LNQ G . -26.44 1.58 -13.57
C18 LNQ G . -25.97 2.95 -13.69
O19 LNQ G . -26.12 0.61 -15.96
O20 LNQ G . -26.86 1.09 -12.53
N21 LNQ G . -25.97 3.83 -12.65
C1 FNG H . -27.71 -4.25 -2.62
O1 FNG H . -27.77 -5.28 -1.69
C2 FNG H . -27.77 -4.88 -3.98
O2 FNG H . -28.99 -5.68 -4.13
C3 FNG H . -26.54 -5.85 -4.23
O3 FNG H . -26.62 -6.36 -5.54
C4 FNG H . -25.24 -5.14 -4.01
O4 FNG H . -25.06 -4.11 -4.99
C5 FNG H . -25.29 -4.61 -2.61
O5 FNG H . -26.40 -3.69 -2.45
C6 FNG H . -24.02 -3.69 -2.43
O6 FNG H . -24.08 -3.20 -1.04
C7 FNG H . -27.96 -4.80 -0.33
C12 FNG H . -26.83 -4.67 0.46
C11 FNG H . -27.00 -4.19 1.73
C10 FNG H . -28.24 -3.82 2.29
C9 FNG H . -29.33 -3.98 1.42
C8 FNG H . -29.20 -4.44 0.12
N16 FNG H . -25.75 -4.05 2.49
O17 FNG H . -25.81 -3.80 3.68
O18 FNG H . -24.68 -4.46 2.01
C13 FNG H . -30.73 -3.66 1.85
N15 FNG H . -30.88 -3.31 3.00
O14 FNG H . -31.68 -3.97 1.13
C1 LNQ I . -31.78 -3.92 4.00
C2 LNQ I . -30.71 -4.50 4.95
C3 LNQ I . -30.92 -6.01 5.01
O4 LNQ I . -29.60 -6.56 5.03
C5 LNQ I . -29.10 -7.14 6.22
C6 LNQ I . -28.20 -6.05 6.85
O7 LNQ I . -27.30 -6.68 7.72
C8 LNQ I . -27.21 -7.25 8.98
C9 LNQ I . -25.76 -6.86 9.39
O10 LNQ I . -25.80 -6.33 10.70
C11 LNQ I . -26.13 -4.97 10.94
C12 LNQ I . -26.07 -4.49 12.42
C13 LNQ I . -25.38 -3.20 12.64
N14 LNQ I . -26.14 -2.25 13.52
C15 LNQ I . -25.68 -2.03 14.75
C16 LNQ I . -25.48 -2.96 15.89
C17 LNQ I . -24.95 -1.77 16.66
C18 LNQ I . -25.18 -0.96 15.50
O19 LNQ I . -25.67 -4.14 16.09
O20 LNQ I . -24.55 -1.75 17.84
N21 LNQ I . -24.99 0.36 15.19
C1 FNG J . -14.90 0.47 23.99
O1 FNG J . -13.79 0.32 24.87
C2 FNG J . -15.47 -0.95 23.92
O2 FNG J . -15.85 -1.37 25.28
C3 FNG J . -14.42 -2.01 23.42
O3 FNG J . -15.14 -3.23 23.21
C4 FNG J . -13.96 -1.56 22.03
O4 FNG J . -15.04 -1.48 21.11
C5 FNG J . -13.38 -0.16 22.21
O5 FNG J . -14.35 0.79 22.70
C6 FNG J . -12.99 0.39 20.80
O6 FNG J . -12.16 1.52 21.09
C7 FNG J . -13.04 1.53 25.20
C12 FNG J . -11.98 1.88 24.37
C11 FNG J . -11.29 3.04 24.70
C10 FNG J . -11.68 3.79 25.78
C9 FNG J . -12.76 3.39 26.57
C8 FNG J . -13.50 2.21 26.28
N16 FNG J . -10.17 3.44 23.82
O17 FNG J . -9.54 4.38 24.27
O18 FNG J . -9.82 2.66 22.91
C13 FNG J . -13.22 4.12 27.75
N15 FNG J . -12.66 5.17 28.19
O14 FNG J . -14.22 3.69 28.32
C1 LNQ K . -12.53 5.46 29.64
C2 LNQ K . -11.07 5.67 29.78
C3 LNQ K . -10.19 4.48 30.29
O4 LNQ K . -9.24 4.47 29.21
C5 LNQ K . -7.87 4.07 29.27
C6 LNQ K . -7.26 5.10 28.27
O7 LNQ K . -5.92 4.68 28.19
C8 LNQ K . -4.74 5.30 28.63
C9 LNQ K . -4.10 5.71 27.27
O10 LNQ K . -3.90 7.10 27.50
C11 LNQ K . -3.01 7.94 26.80
C12 LNQ K . -3.52 9.36 27.24
C13 LNQ K . -3.00 10.44 26.35
N14 LNQ K . -2.86 11.69 27.21
C15 LNQ K . -1.99 12.64 26.98
C16 LNQ K . -0.58 12.85 27.39
C17 LNQ K . -0.62 14.14 26.66
C18 LNQ K . -1.98 13.87 26.30
O19 LNQ K . 0.28 12.25 28.02
O20 LNQ K . 0.14 15.07 26.46
N21 LNQ K . -2.81 14.67 25.57
C1 FNG L . 8.88 18.02 19.83
O1 FNG L . 10.18 18.25 19.26
C2 FNG L . 9.12 17.08 20.96
O2 FNG L . 10.08 17.67 21.90
C3 FNG L . 9.77 15.72 20.49
O3 FNG L . 9.77 14.81 21.59
C4 FNG L . 8.88 15.16 19.41
O4 FNG L . 7.62 14.83 19.94
C5 FNG L . 8.73 16.15 18.31
O5 FNG L . 8.14 17.39 18.81
C6 FNG L . 7.70 15.68 17.23
O6 FNG L . 7.85 16.63 16.15
C7 FNG L . 10.25 19.28 18.22
C12 FNG L . 10.09 18.83 16.90
C11 FNG L . 10.19 19.81 15.98
C10 FNG L . 10.44 21.15 16.26
C9 FNG L . 10.62 21.51 17.62
C8 FNG L . 10.53 20.53 18.64
N16 FNG L . 9.99 19.41 14.55
O17 FNG L . 10.12 20.43 13.87
O18 FNG L . 9.93 18.21 14.33
C13 FNG L . 10.91 22.86 18.05
N15 FNG L . 11.27 23.75 17.24
O14 FNG L . 10.53 23.27 19.18
C1 LNQ M . 12.00 24.95 17.64
C2 LNQ M . 13.17 25.02 16.74
C3 LNQ M . 14.21 23.96 16.50
O4 LNQ M . 13.86 23.34 15.26
C5 LNQ M . 14.83 22.93 14.27
C6 LNQ M . 13.98 23.25 13.00
O7 LNQ M . 14.41 22.51 11.90
C8 LNQ M . 15.42 22.62 10.95
C9 LNQ M . 14.79 22.17 9.60
O10 LNQ M . 14.53 23.40 8.94
C11 LNQ M . 14.18 23.53 7.59
C12 LNQ M . 13.36 24.78 7.41
C13 LNQ M . 12.40 24.83 6.23
N14 LNQ M . 11.87 26.14 5.75
C15 LNQ M . 12.32 26.53 4.56
C16 LNQ M . 13.58 26.57 3.81
C17 LNQ M . 12.78 27.18 2.66
C18 LNQ M . 11.61 27.09 3.45
O19 LNQ M . 14.76 26.29 3.96
O20 LNQ M . 13.23 27.50 1.58
N21 LNQ M . 10.28 27.37 3.48
C1 FNG N . 10.85 24.32 -9.31
O1 FNG N . 10.97 23.87 -10.66
C2 FNG N . 12.12 24.21 -8.55
O2 FNG N . 13.12 25.06 -9.34
C3 FNG N . 12.73 22.79 -8.64
O3 FNG N . 13.96 22.75 -7.92
C4 FNG N . 11.78 21.78 -8.03
O4 FNG N . 11.71 22.14 -6.65
C5 FNG N . 10.50 22.03 -8.76
O5 FNG N . 9.99 23.36 -8.63
C6 FNG N . 9.41 21.16 -8.05
O6 FNG N . 8.22 21.17 -8.89
C7 FNG N . 9.79 23.97 -11.45
C12 FNG N . 9.04 22.81 -11.61
C11 FNG N . 7.90 23.00 -12.39
C10 FNG N . 7.54 24.19 -13.04
C9 FNG N . 8.37 25.31 -12.82
C8 FNG N . 9.51 25.17 -12.03
N16 FNG N . 7.04 21.83 -12.54
O17 FNG N . 6.14 22.02 -13.33
O18 FNG N . 7.39 20.73 -12.10
C13 FNG N . 8.11 26.60 -13.43
N15 FNG N . 7.23 26.74 -14.33
O14 FNG N . 8.78 27.65 -13.15
C1 LNQ O . 7.61 27.64 -15.49
C2 LNQ O . 7.03 26.84 -16.62
C3 LNQ O . 7.90 25.59 -16.92
O4 LNQ O . 6.88 24.59 -16.81
C5 LNQ O . 7.17 23.28 -17.35
C6 LNQ O . 6.10 23.07 -18.44
O7 LNQ O . 6.10 21.68 -18.78
C8 LNQ O . 5.51 21.11 -19.95
C9 LNQ O . 4.60 19.96 -19.43
O10 LNQ O . 3.25 20.48 -19.56
C11 LNQ O . 2.29 20.00 -20.45
C12 LNQ O . 1.02 20.72 -20.05
C13 LNQ O . -0.39 20.46 -20.09
N14 LNQ O . -1.35 21.45 -20.74
C15 LNQ O . -2.39 20.79 -21.27
C16 LNQ O . -2.49 19.83 -22.40
C17 LNQ O . -3.94 19.68 -22.04
C18 LNQ O . -3.75 20.59 -20.97
O19 LNQ O . -1.86 19.31 -23.27
O20 LNQ O . -4.81 18.96 -22.58
N21 LNQ O . -4.65 21.04 -20.05
#